data_4RPT
#
_entry.id   4RPT
#
_cell.length_a   40.240
_cell.length_b   68.370
_cell.length_c   52.420
_cell.angle_alpha   90.00
_cell.angle_beta   106.88
_cell.angle_gamma   90.00
#
_symmetry.space_group_name_H-M   'P 1 21 1'
#
loop_
_entity.id
_entity.type
_entity.pdbx_description
1 polymer 'Capping enzyme protein'
2 non-polymer 'MALONATE ION'
3 non-polymer 1,2-ETHANEDIOL
4 water water
#
_entity_poly.entity_id   1
_entity_poly.type   'polypeptide(L)'
_entity_poly.pdbx_seq_one_letter_code
;SGADDPNYFIGIKFRHIPYEYDVKIPHLTFGVLFISDNMIPDVVEIMKIMKKELFEMDITTSYTYMLSDGIYVANVSGVL
ATYFKMYNLFYKSQITFGQSRMFIPHITLSFSNNKTVRIESTRLKISSIYLRKIKGDTVFDMSE
;
_entity_poly.pdbx_strand_id   A,B
#
# COMPACT_ATOMS: atom_id res chain seq x y z
N SER A 1 11.86 8.06 17.95
CA SER A 1 10.44 8.00 17.66
C SER A 1 10.13 8.76 16.38
N GLY A 2 9.06 8.36 15.71
CA GLY A 2 8.63 9.00 14.49
C GLY A 2 9.66 8.95 13.38
N ALA A 3 9.63 9.94 12.49
CA ALA A 3 10.55 9.97 11.37
C ALA A 3 10.58 11.37 10.77
N ASP A 4 11.64 11.66 10.04
CA ASP A 4 11.67 12.88 9.25
C ASP A 4 10.73 12.70 8.05
N ASP A 5 9.79 13.63 7.88
CA ASP A 5 8.92 13.61 6.69
C ASP A 5 9.78 13.57 5.44
N PRO A 6 9.25 12.96 4.38
CA PRO A 6 10.06 12.86 3.17
C PRO A 6 10.28 14.20 2.49
N ASN A 7 11.42 14.34 1.86
CA ASN A 7 11.69 15.51 1.03
C ASN A 7 11.89 15.14 -0.43
N TYR A 8 11.94 13.84 -0.74
CA TYR A 8 12.05 13.36 -2.13
C TYR A 8 11.06 12.25 -2.41
N PHE A 9 10.73 12.05 -3.68
CA PHE A 9 10.01 10.83 -4.04
C PHE A 9 10.65 10.21 -5.29
N ILE A 10 10.41 8.93 -5.48
CA ILE A 10 10.76 8.25 -6.73
C ILE A 10 9.49 8.20 -7.56
N GLY A 11 9.55 8.76 -8.76
CA GLY A 11 8.40 8.83 -9.65
C GLY A 11 8.61 7.90 -10.83
N ILE A 12 7.51 7.44 -11.40
CA ILE A 12 7.56 6.64 -12.63
C ILE A 12 6.54 7.22 -13.58
N LYS A 13 6.99 7.58 -14.77
CA LYS A 13 6.13 8.09 -15.83
C LYS A 13 5.83 6.97 -16.82
N PHE A 14 4.69 7.09 -17.50
CA PHE A 14 4.22 6.06 -18.41
C PHE A 14 3.91 6.64 -19.78
N ARG A 15 3.94 5.79 -20.80
CA ARG A 15 3.58 6.21 -22.14
C ARG A 15 2.12 6.69 -22.19
N HIS A 16 1.28 6.03 -21.42
CA HIS A 16 -0.14 6.33 -21.45
C HIS A 16 -0.77 5.93 -20.14
N ILE A 17 -1.70 6.72 -19.65
CA ILE A 17 -2.50 6.23 -18.56
C ILE A 17 -3.96 6.24 -18.96
N PRO A 18 -4.71 5.25 -18.45
CA PRO A 18 -6.06 4.95 -18.91
C PRO A 18 -7.19 5.67 -18.17
N TYR A 19 -6.88 6.85 -17.65
CA TYR A 19 -7.86 7.65 -16.91
C TYR A 19 -7.81 9.09 -17.36
N GLU A 20 -8.95 9.76 -17.27
CA GLU A 20 -8.97 11.21 -17.37
C GLU A 20 -8.17 11.74 -16.17
N TYR A 21 -7.38 12.79 -16.41
CA TYR A 21 -6.58 13.39 -15.35
C TYR A 21 -6.46 14.89 -15.58
N ASP A 22 -6.27 15.63 -14.50
CA ASP A 22 -6.15 17.09 -14.57
C ASP A 22 -4.76 17.60 -14.17
N VAL A 23 -3.95 16.77 -13.52
CA VAL A 23 -2.59 17.22 -13.16
C VAL A 23 -1.77 17.38 -14.43
N LYS A 24 -0.69 18.16 -14.35
CA LYS A 24 0.09 18.43 -15.54
C LYS A 24 1.04 17.29 -15.90
N ILE A 25 1.62 16.66 -14.88
CA ILE A 25 2.53 15.55 -15.11
C ILE A 25 2.08 14.30 -14.35
N PRO A 26 1.18 13.50 -14.94
CA PRO A 26 0.75 12.32 -14.19
C PRO A 26 1.87 11.30 -14.07
N HIS A 27 2.00 10.73 -12.88
CA HIS A 27 3.07 9.78 -12.61
C HIS A 27 2.68 8.90 -11.45
N LEU A 28 3.27 7.72 -11.42
CA LEU A 28 3.25 6.91 -10.21
C LEU A 28 4.22 7.49 -9.19
N THR A 29 3.73 7.79 -7.99
CA THR A 29 4.61 8.06 -6.86
C THR A 29 4.92 6.69 -6.27
N PHE A 30 6.09 6.17 -6.63
CA PHE A 30 6.48 4.81 -6.27
C PHE A 30 6.91 4.71 -4.82
N GLY A 31 7.63 5.73 -4.35
CA GLY A 31 8.08 5.71 -2.97
C GLY A 31 8.49 7.09 -2.53
N VAL A 32 8.56 7.29 -1.22
CA VAL A 32 8.96 8.58 -0.67
C VAL A 32 10.11 8.35 0.29
N LEU A 33 10.96 9.37 0.41
CA LEU A 33 12.22 9.26 1.16
C LEU A 33 12.56 10.55 1.84
N PHE A 34 13.31 10.45 2.93
CA PHE A 34 14.03 11.62 3.40
C PHE A 34 15.49 11.39 3.10
N ILE A 35 16.08 12.33 2.36
CA ILE A 35 17.48 12.20 2.00
C ILE A 35 18.20 13.43 2.54
N SER A 36 19.25 13.19 3.33
CA SER A 36 20.19 14.26 3.67
C SER A 36 20.92 14.62 2.38
N ASP A 37 21.31 15.87 2.21
CA ASP A 37 21.87 16.28 0.92
C ASP A 37 23.18 15.57 0.56
N ASN A 38 23.93 15.13 1.57
CA ASN A 38 25.14 14.37 1.29
C ASN A 38 24.83 12.93 0.87
N MET A 39 23.56 12.56 0.91
CA MET A 39 23.15 11.18 0.63
C MET A 39 22.49 10.96 -0.74
N ILE A 40 22.38 12.01 -1.54
CA ILE A 40 21.83 11.87 -2.89
C ILE A 40 22.57 10.79 -3.71
N PRO A 41 23.92 10.82 -3.71
CA PRO A 41 24.59 9.79 -4.51
C PRO A 41 24.25 8.38 -4.06
N ASP A 42 24.08 8.19 -2.75
CA ASP A 42 23.76 6.87 -2.23
C ASP A 42 22.40 6.39 -2.74
N VAL A 43 21.44 7.30 -2.81
CA VAL A 43 20.11 6.96 -3.31
C VAL A 43 20.20 6.68 -4.80
N VAL A 44 20.97 7.49 -5.52
CA VAL A 44 21.10 7.27 -6.95
C VAL A 44 21.75 5.92 -7.26
N GLU A 45 22.76 5.56 -6.46
CA GLU A 45 23.40 4.25 -6.60
C GLU A 45 22.41 3.12 -6.44
N ILE A 46 21.53 3.24 -5.45
CA ILE A 46 20.56 2.18 -5.18
C ILE A 46 19.54 2.11 -6.32
N MET A 47 19.11 3.26 -6.83
CA MET A 47 18.21 3.24 -7.96
C MET A 47 18.85 2.56 -9.18
N LYS A 48 20.13 2.82 -9.40
CA LYS A 48 20.84 2.18 -10.50
C LYS A 48 20.99 0.68 -10.29
N ILE A 49 21.27 0.26 -9.07
CA ILE A 49 21.33 -1.17 -8.77
C ILE A 49 19.99 -1.85 -9.09
N MET A 50 18.91 -1.13 -8.81
CA MET A 50 17.56 -1.66 -8.99
C MET A 50 16.95 -1.36 -10.34
N LYS A 51 17.73 -0.75 -11.24
CA LYS A 51 17.18 -0.23 -12.49
C LYS A 51 16.51 -1.30 -13.33
N LYS A 52 17.20 -2.41 -13.60
CA LYS A 52 16.59 -3.44 -14.43
C LYS A 52 15.31 -4.00 -13.83
N GLU A 53 15.30 -4.25 -12.52
CA GLU A 53 14.09 -4.78 -11.89
C GLU A 53 12.94 -3.76 -11.93
N LEU A 54 13.25 -2.50 -11.66
CA LEU A 54 12.24 -1.44 -11.73
C LEU A 54 11.61 -1.40 -13.13
N PHE A 55 12.44 -1.40 -14.16
CA PHE A 55 11.92 -1.31 -15.51
C PHE A 55 11.19 -2.59 -15.94
N GLU A 56 11.46 -3.69 -15.26
CA GLU A 56 10.79 -4.96 -15.55
C GLU A 56 9.47 -5.17 -14.81
N MET A 57 9.09 -4.24 -13.94
CA MET A 57 7.89 -4.44 -13.13
C MET A 57 6.64 -4.62 -13.98
N ASP A 58 5.80 -5.55 -13.57
CA ASP A 58 4.52 -5.78 -14.24
C ASP A 58 3.47 -4.91 -13.58
N ILE A 59 3.41 -3.65 -14.00
CA ILE A 59 2.57 -2.66 -13.35
C ILE A 59 1.24 -2.57 -14.05
N THR A 60 0.17 -2.81 -13.32
CA THR A 60 -1.17 -2.63 -13.86
C THR A 60 -1.95 -1.66 -13.00
N THR A 61 -3.08 -1.22 -13.53
CA THR A 61 -3.98 -0.37 -12.78
C THR A 61 -5.41 -0.76 -13.13
N SER A 62 -6.34 -0.58 -12.21
CA SER A 62 -7.71 -0.91 -12.56
C SER A 62 -8.77 -0.05 -11.88
N TYR A 63 -8.43 0.74 -10.87
CA TYR A 63 -9.44 1.59 -10.27
C TYR A 63 -8.89 2.87 -9.68
N THR A 64 -9.77 3.84 -9.48
CA THR A 64 -9.42 5.11 -8.89
C THR A 64 -10.15 5.29 -7.57
N TYR A 65 -9.64 6.19 -6.73
CA TYR A 65 -10.22 6.42 -5.43
C TYR A 65 -9.77 7.74 -4.86
N MET A 66 -10.53 8.25 -3.89
CA MET A 66 -10.13 9.46 -3.17
C MET A 66 -9.15 9.05 -2.08
N LEU A 67 -7.91 9.54 -2.21
CA LEU A 67 -6.88 9.32 -1.21
C LEU A 67 -7.20 10.17 0.03
N SER A 68 -7.59 11.41 -0.23
CA SER A 68 -8.03 12.31 0.82
C SER A 68 -8.87 13.36 0.14
N ASP A 69 -9.44 14.28 0.90
CA ASP A 69 -10.28 15.31 0.32
C ASP A 69 -9.46 16.06 -0.75
N GLY A 70 -9.99 16.16 -1.96
CA GLY A 70 -9.30 16.89 -3.00
C GLY A 70 -8.05 16.22 -3.56
N ILE A 71 -7.85 14.92 -3.31
CA ILE A 71 -6.77 14.19 -3.95
C ILE A 71 -7.30 12.87 -4.51
N TYR A 72 -7.47 12.85 -5.83
CA TYR A 72 -8.08 11.74 -6.56
C TYR A 72 -6.98 10.99 -7.29
N VAL A 73 -6.90 9.67 -7.08
CA VAL A 73 -5.73 8.93 -7.56
C VAL A 73 -6.13 7.60 -8.17
N ALA A 74 -5.23 7.01 -8.93
CA ALA A 74 -5.37 5.65 -9.43
C ALA A 74 -4.48 4.68 -8.66
N ASN A 75 -4.95 3.45 -8.54
CA ASN A 75 -4.14 2.39 -7.94
C ASN A 75 -3.05 1.92 -8.90
N VAL A 76 -2.06 1.24 -8.35
CA VAL A 76 -1.22 0.35 -9.15
C VAL A 76 -1.17 -1.00 -8.47
N SER A 77 -0.89 -2.01 -9.28
CA SER A 77 -0.71 -3.36 -8.77
C SER A 77 0.54 -3.92 -9.41
N GLY A 78 1.32 -4.65 -8.63
CA GLY A 78 2.47 -5.36 -9.14
C GLY A 78 3.84 -4.84 -8.76
N VAL A 79 3.92 -3.83 -7.90
CA VAL A 79 5.21 -3.22 -7.60
C VAL A 79 5.76 -3.59 -6.22
N LEU A 80 5.02 -4.38 -5.44
CA LEU A 80 5.40 -4.52 -4.03
C LEU A 80 6.65 -5.39 -3.75
N ALA A 81 6.96 -6.37 -4.58
CA ALA A 81 8.20 -7.13 -4.38
C ALA A 81 9.36 -6.16 -4.47
N THR A 82 9.34 -5.31 -5.49
CA THR A 82 10.40 -4.34 -5.70
C THR A 82 10.37 -3.22 -4.66
N TYR A 83 9.16 -2.77 -4.32
CA TYR A 83 9.01 -1.76 -3.29
C TYR A 83 9.69 -2.20 -1.98
N PHE A 84 9.40 -3.42 -1.54
CA PHE A 84 9.96 -3.86 -0.26
C PHE A 84 11.43 -4.24 -0.37
N LYS A 85 11.88 -4.67 -1.54
CA LYS A 85 13.31 -4.85 -1.73
C LYS A 85 14.05 -3.52 -1.59
N MET A 86 13.48 -2.47 -2.21
CA MET A 86 14.07 -1.16 -2.12
C MET A 86 14.03 -0.62 -0.70
N TYR A 87 12.94 -0.86 0.01
CA TYR A 87 12.88 -0.47 1.41
C TYR A 87 14.08 -1.04 2.16
N ASN A 88 14.37 -2.30 1.90
CA ASN A 88 15.48 -3.00 2.54
C ASN A 88 16.83 -2.42 2.14
N LEU A 89 17.03 -2.16 0.86
CA LEU A 89 18.29 -1.56 0.39
C LEU A 89 18.52 -0.18 1.00
N PHE A 90 17.50 0.65 1.02
CA PHE A 90 17.66 1.96 1.63
C PHE A 90 17.96 1.83 3.12
N TYR A 91 17.25 0.93 3.80
CA TYR A 91 17.47 0.70 5.23
C TYR A 91 18.89 0.29 5.54
N LYS A 92 19.45 -0.61 4.73
CA LYS A 92 20.82 -1.10 4.93
C LYS A 92 21.85 0.02 4.76
N SER A 93 21.49 1.05 3.99
CA SER A 93 22.34 2.22 3.82
C SER A 93 21.92 3.40 4.72
N GLN A 94 21.07 3.11 5.70
CA GLN A 94 20.54 4.09 6.65
C GLN A 94 19.89 5.30 5.96
N ILE A 95 19.09 5.01 4.94
CA ILE A 95 18.30 6.04 4.29
C ILE A 95 16.83 5.77 4.60
N THR A 96 16.13 6.79 5.09
CA THR A 96 14.73 6.67 5.48
C THR A 96 13.79 6.67 4.26
N PHE A 97 13.17 5.52 4.02
CA PHE A 97 12.26 5.28 2.88
C PHE A 97 10.94 4.76 3.40
N GLY A 98 9.84 5.27 2.84
CA GLY A 98 8.53 4.75 3.19
C GLY A 98 8.11 5.05 4.61
N GLN A 99 8.57 6.16 5.16
CA GLN A 99 8.27 6.47 6.56
C GLN A 99 6.94 7.19 6.75
N SER A 100 6.29 7.56 5.65
CA SER A 100 4.96 8.15 5.74
C SER A 100 3.97 7.09 6.22
N ARG A 101 3.14 7.47 7.20
CA ARG A 101 2.12 6.62 7.81
C ARG A 101 1.00 6.13 6.89
N MET A 102 0.57 6.96 6.00
CA MET A 102 -0.54 6.65 5.09
C MET A 102 -0.12 6.36 3.66
N PHE A 103 1.17 6.39 3.39
CA PHE A 103 1.66 6.27 2.04
C PHE A 103 1.46 4.89 1.46
N ILE A 104 0.82 4.87 0.32
CA ILE A 104 0.71 3.70 -0.53
C ILE A 104 0.98 4.15 -1.98
N PRO A 105 1.77 3.44 -2.74
CA PRO A 105 2.06 3.87 -4.12
C PRO A 105 0.78 4.17 -4.91
N HIS A 106 0.76 5.28 -5.65
CA HIS A 106 -0.47 5.70 -6.32
C HIS A 106 -0.09 6.64 -7.45
N ILE A 107 -0.99 6.78 -8.41
CA ILE A 107 -0.89 7.78 -9.48
C ILE A 107 -1.91 8.88 -9.22
N THR A 108 -1.48 10.06 -8.80
CA THR A 108 -2.43 11.15 -8.60
C THR A 108 -2.95 11.61 -9.95
N LEU A 109 -4.26 11.75 -10.04
CA LEU A 109 -4.92 12.13 -11.27
C LEU A 109 -5.42 13.57 -11.24
N SER A 110 -5.97 14.01 -10.11
CA SER A 110 -6.58 15.31 -10.04
C SER A 110 -6.66 15.76 -8.61
N PHE A 111 -6.46 17.06 -8.41
CA PHE A 111 -6.63 17.64 -7.10
C PHE A 111 -8.07 18.14 -6.96
N SER A 112 -9.00 17.20 -7.03
CA SER A 112 -10.42 17.50 -6.95
C SER A 112 -11.16 16.23 -6.58
N ASN A 113 -12.40 16.35 -6.14
CA ASN A 113 -13.20 15.21 -5.81
C ASN A 113 -13.82 14.62 -7.06
N ASN A 114 -13.62 13.32 -7.26
CA ASN A 114 -14.12 12.62 -8.44
C ASN A 114 -14.76 11.31 -8.06
N LYS A 115 -15.70 10.87 -8.88
CA LYS A 115 -16.28 9.55 -8.70
C LYS A 115 -15.28 8.46 -9.08
N THR A 116 -15.38 7.35 -8.36
CA THR A 116 -14.53 6.20 -8.62
C THR A 116 -14.82 5.64 -10.00
N VAL A 117 -13.78 5.21 -10.68
CA VAL A 117 -13.96 4.49 -11.93
C VAL A 117 -13.21 3.16 -11.83
N ARG A 118 -13.71 2.17 -12.55
CA ARG A 118 -13.05 0.88 -12.65
C ARG A 118 -12.95 0.47 -14.10
N ILE A 119 -11.77 0.05 -14.52
CA ILE A 119 -11.57 -0.47 -15.86
C ILE A 119 -10.97 -1.86 -15.76
N GLU A 120 -10.90 -2.57 -16.89
CA GLU A 120 -10.15 -3.82 -16.95
C GLU A 120 -8.73 -3.55 -16.48
N SER A 121 -8.16 -4.50 -15.75
CA SER A 121 -6.74 -4.42 -15.42
C SER A 121 -5.96 -4.06 -16.68
N THR A 122 -5.18 -3.00 -16.58
CA THR A 122 -4.52 -2.40 -17.73
C THR A 122 -3.05 -2.26 -17.43
N ARG A 123 -2.22 -2.85 -18.28
CA ARG A 123 -0.78 -2.78 -18.19
C ARG A 123 -0.26 -1.40 -18.54
N LEU A 124 0.59 -0.86 -17.69
CA LEU A 124 1.23 0.43 -17.96
C LEU A 124 2.63 0.22 -18.50
N LYS A 125 3.04 1.10 -19.41
CA LYS A 125 4.35 1.02 -20.01
C LYS A 125 5.24 2.12 -19.49
N ILE A 126 6.26 1.73 -18.74
CA ILE A 126 7.18 2.67 -18.13
C ILE A 126 7.98 3.43 -19.17
N SER A 127 8.05 4.75 -19.03
CA SER A 127 8.88 5.55 -19.93
C SER A 127 10.10 6.13 -19.20
N SER A 128 9.93 6.52 -17.94
CA SER A 128 11.02 7.12 -17.18
C SER A 128 10.86 6.85 -15.70
N ILE A 129 11.98 6.78 -14.99
CA ILE A 129 11.98 6.64 -13.54
C ILE A 129 12.92 7.70 -12.99
N TYR A 130 12.51 8.43 -11.97
CA TYR A 130 13.26 9.63 -11.60
C TYR A 130 13.15 9.91 -10.12
N LEU A 131 14.08 10.71 -9.62
CA LEU A 131 14.13 11.12 -8.23
C LEU A 131 13.86 12.60 -8.20
N ARG A 132 12.85 13.04 -7.45
CA ARG A 132 12.42 14.42 -7.50
C ARG A 132 12.17 14.92 -6.08
N LYS A 133 12.58 16.16 -5.83
CA LYS A 133 12.30 16.81 -4.56
C LYS A 133 10.81 17.10 -4.45
N ILE A 134 10.22 16.78 -3.30
CA ILE A 134 8.81 17.09 -3.09
C ILE A 134 8.61 18.61 -3.08
N LYS A 135 7.70 19.06 -3.93
CA LYS A 135 7.45 20.50 -4.19
C LYS A 135 8.68 21.16 -4.78
N GLY A 136 9.55 20.36 -5.40
CA GLY A 136 10.76 20.88 -6.01
C GLY A 136 11.04 20.23 -7.35
N ASP A 137 12.32 20.19 -7.72
CA ASP A 137 12.69 19.71 -9.04
C ASP A 137 13.27 18.30 -9.06
N THR A 138 13.31 17.72 -10.25
CA THR A 138 13.95 16.45 -10.47
C THR A 138 15.48 16.60 -10.37
N VAL A 139 16.16 15.62 -9.79
CA VAL A 139 17.62 15.66 -9.71
C VAL A 139 18.30 14.47 -10.38
N PHE A 140 17.54 13.46 -10.80
CA PHE A 140 18.09 12.26 -11.42
C PHE A 140 16.99 11.57 -12.21
N ASP A 141 17.28 11.10 -13.41
CA ASP A 141 16.28 10.40 -14.21
C ASP A 141 16.93 9.26 -14.96
N MET A 142 16.24 8.15 -15.12
CA MET A 142 16.76 7.11 -15.97
C MET A 142 15.69 6.55 -16.92
N SER A 143 16.15 6.04 -18.06
CA SER A 143 15.30 5.33 -18.99
C SER A 143 15.94 4.00 -19.37
N GLU A 144 15.14 3.11 -19.95
CA GLU A 144 15.59 1.80 -20.42
C GLU A 144 16.11 0.92 -19.29
N ASP B 5 4.18 2.01 17.47
CA ASP B 5 4.03 0.72 16.82
C ASP B 5 2.65 0.19 17.12
N PRO B 6 2.04 -0.53 16.17
CA PRO B 6 0.64 -0.94 16.37
C PRO B 6 0.45 -2.00 17.44
N ASN B 7 -0.68 -1.93 18.15
CA ASN B 7 -1.04 -2.99 19.09
C ASN B 7 -2.36 -3.70 18.75
N TYR B 8 -3.10 -3.19 17.74
CA TYR B 8 -4.33 -3.85 17.24
C TYR B 8 -4.30 -3.90 15.72
N PHE B 9 -5.01 -4.85 15.12
CA PHE B 9 -5.23 -4.80 13.68
C PHE B 9 -6.67 -5.16 13.35
N ILE B 10 -7.08 -4.74 12.16
CA ILE B 10 -8.35 -5.16 11.57
C ILE B 10 -8.03 -6.25 10.57
N GLY B 11 -8.63 -7.42 10.76
CA GLY B 11 -8.39 -8.57 9.91
C GLY B 11 -9.62 -8.89 9.09
N ILE B 12 -9.41 -9.52 7.95
CA ILE B 12 -10.49 -10.01 7.11
C ILE B 12 -10.18 -11.45 6.74
N LYS B 13 -11.10 -12.34 7.05
CA LYS B 13 -10.95 -13.75 6.70
C LYS B 13 -11.75 -14.04 5.44
N PHE B 14 -11.34 -15.08 4.71
CA PHE B 14 -11.96 -15.43 3.44
C PHE B 14 -12.34 -16.90 3.44
N ARG B 15 -13.30 -17.24 2.61
CA ARG B 15 -13.70 -18.64 2.50
C ARG B 15 -12.55 -19.49 2.05
N HIS B 16 -11.76 -18.96 1.16
CA HIS B 16 -10.68 -19.72 0.55
C HIS B 16 -9.62 -18.74 0.06
N ILE B 17 -8.35 -19.10 0.12
CA ILE B 17 -7.35 -18.30 -0.58
C ILE B 17 -6.61 -19.20 -1.57
N PRO B 18 -6.19 -18.64 -2.71
CA PRO B 18 -5.68 -19.40 -3.84
C PRO B 18 -4.18 -19.66 -3.78
N TYR B 19 -3.66 -19.77 -2.57
CA TYR B 19 -2.24 -20.00 -2.33
C TYR B 19 -2.04 -21.04 -1.24
N GLU B 20 -0.93 -21.78 -1.32
CA GLU B 20 -0.44 -22.53 -0.19
C GLU B 20 -0.07 -21.58 0.96
N TYR B 21 -0.37 -21.99 2.18
CA TYR B 21 -0.04 -21.19 3.35
C TYR B 21 0.34 -22.05 4.55
N ASP B 22 1.18 -21.51 5.42
CA ASP B 22 1.66 -22.22 6.61
C ASP B 22 1.17 -21.60 7.90
N VAL B 23 0.67 -20.36 7.84
CA VAL B 23 0.18 -19.70 9.05
C VAL B 23 -1.04 -20.42 9.55
N LYS B 24 -1.35 -20.24 10.83
CA LYS B 24 -2.46 -21.00 11.40
C LYS B 24 -3.80 -20.40 11.02
N ILE B 25 -3.87 -19.08 10.99
CA ILE B 25 -5.11 -18.39 10.64
C ILE B 25 -4.86 -17.35 9.54
N PRO B 26 -4.92 -17.77 8.27
CA PRO B 26 -4.64 -16.83 7.17
C PRO B 26 -5.72 -15.76 7.06
N HIS B 27 -5.28 -14.52 6.90
CA HIS B 27 -6.19 -13.40 6.85
C HIS B 27 -5.55 -12.22 6.14
N LEU B 28 -6.39 -11.34 5.59
CA LEU B 28 -5.92 -10.03 5.19
C LEU B 28 -5.73 -9.19 6.44
N THR B 29 -4.53 -8.66 6.61
CA THR B 29 -4.32 -7.61 7.58
C THR B 29 -4.69 -6.31 6.88
N PHE B 30 -5.91 -5.84 7.13
CA PHE B 30 -6.47 -4.70 6.41
C PHE B 30 -5.90 -3.38 6.92
N GLY B 31 -5.69 -3.27 8.22
CA GLY B 31 -5.16 -2.04 8.78
C GLY B 31 -4.65 -2.30 10.17
N VAL B 32 -3.81 -1.39 10.68
CA VAL B 32 -3.27 -1.54 12.03
C VAL B 32 -3.53 -0.28 12.81
N LEU B 33 -3.57 -0.42 14.14
CA LEU B 33 -3.97 0.68 15.03
C LEU B 33 -3.10 0.69 16.26
N PHE B 34 -2.88 1.89 16.81
CA PHE B 34 -2.35 1.98 18.15
C PHE B 34 -3.39 2.63 19.03
N ILE B 35 -3.97 1.85 19.95
CA ILE B 35 -5.07 2.33 20.80
C ILE B 35 -4.96 1.92 22.27
N SER B 36 -5.41 2.81 23.15
CA SER B 36 -5.72 2.44 24.53
C SER B 36 -6.94 1.51 24.52
N ASP B 37 -7.05 0.61 25.50
CA ASP B 37 -8.15 -0.36 25.49
C ASP B 37 -9.52 0.31 25.64
N ASN B 38 -9.54 1.50 26.24
CA ASN B 38 -10.81 2.22 26.43
C ASN B 38 -11.31 2.83 25.12
N MET B 39 -10.55 2.67 24.05
CA MET B 39 -10.93 3.22 22.75
C MET B 39 -11.49 2.12 21.87
N ILE B 40 -11.50 0.89 22.37
CA ILE B 40 -12.07 -0.23 21.62
C ILE B 40 -13.53 0.03 21.18
N PRO B 41 -14.39 0.51 22.09
CA PRO B 41 -15.77 0.75 21.62
C PRO B 41 -15.83 1.80 20.50
N ASP B 42 -14.96 2.81 20.56
CA ASP B 42 -14.92 3.84 19.52
C ASP B 42 -14.48 3.26 18.18
N VAL B 43 -13.51 2.36 18.21
CA VAL B 43 -13.07 1.71 16.99
C VAL B 43 -14.19 0.82 16.46
N VAL B 44 -14.84 0.10 17.36
CA VAL B 44 -15.94 -0.78 16.97
C VAL B 44 -17.08 0.04 16.35
N GLU B 45 -17.38 1.22 16.90
CA GLU B 45 -18.41 2.07 16.31
C GLU B 45 -18.11 2.39 14.85
N ILE B 46 -16.85 2.70 14.57
CA ILE B 46 -16.46 3.07 13.23
C ILE B 46 -16.51 1.87 12.30
N MET B 47 -16.08 0.70 12.79
CA MET B 47 -16.20 -0.50 11.98
C MET B 47 -17.67 -0.82 11.64
N LYS B 48 -18.57 -0.60 12.59
CA LYS B 48 -19.99 -0.79 12.33
C LYS B 48 -20.54 0.21 11.32
N ILE B 49 -20.13 1.46 11.42
CA ILE B 49 -20.54 2.47 10.44
C ILE B 49 -20.10 2.04 9.05
N MET B 50 -18.91 1.44 8.97
CA MET B 50 -18.32 1.04 7.70
C MET B 50 -18.64 -0.39 7.28
N LYS B 51 -19.49 -1.07 8.05
CA LYS B 51 -19.68 -2.50 7.88
C LYS B 51 -20.14 -2.86 6.48
N LYS B 52 -21.15 -2.16 6.00
CA LYS B 52 -21.70 -2.48 4.69
C LYS B 52 -20.67 -2.29 3.59
N GLU B 53 -19.92 -1.19 3.64
CA GLU B 53 -18.92 -0.95 2.62
C GLU B 53 -17.78 -1.96 2.70
N LEU B 54 -17.35 -2.28 3.92
CA LEU B 54 -16.32 -3.29 4.13
C LEU B 54 -16.71 -4.63 3.52
N PHE B 55 -17.91 -5.11 3.81
CA PHE B 55 -18.33 -6.40 3.28
C PHE B 55 -18.61 -6.38 1.78
N GLU B 56 -18.82 -5.18 1.23
CA GLU B 56 -19.04 -5.03 -0.21
C GLU B 56 -17.76 -4.88 -1.03
N MET B 57 -16.60 -4.85 -0.38
CA MET B 57 -15.35 -4.61 -1.13
C MET B 57 -15.10 -5.68 -2.17
N ASP B 58 -14.62 -5.22 -3.33
CA ASP B 58 -14.27 -6.10 -4.44
C ASP B 58 -12.81 -6.51 -4.29
N ILE B 59 -12.53 -7.52 -3.45
CA ILE B 59 -11.15 -7.88 -3.12
C ILE B 59 -10.67 -8.98 -4.02
N THR B 60 -9.58 -8.73 -4.72
CA THR B 60 -8.92 -9.76 -5.52
C THR B 60 -7.46 -9.90 -5.08
N THR B 61 -6.81 -10.96 -5.55
CA THR B 61 -5.41 -11.19 -5.28
C THR B 61 -4.78 -11.79 -6.54
N SER B 62 -3.55 -11.38 -6.83
CA SER B 62 -2.84 -11.81 -8.02
C SER B 62 -1.44 -12.40 -7.82
N TYR B 63 -0.72 -11.94 -6.80
CA TYR B 63 0.69 -12.29 -6.67
C TYR B 63 1.17 -12.28 -5.24
N THR B 64 2.32 -12.92 -5.05
CA THR B 64 2.96 -12.96 -3.75
C THR B 64 4.32 -12.28 -3.77
N TYR B 65 4.84 -11.96 -2.59
CA TYR B 65 6.12 -11.26 -2.47
C TYR B 65 6.65 -11.39 -1.05
N MET B 66 7.93 -11.20 -0.89
CA MET B 66 8.52 -11.13 0.42
C MET B 66 8.37 -9.72 0.96
N LEU B 67 7.63 -9.61 2.03
CA LEU B 67 7.44 -8.35 2.70
C LEU B 67 8.75 -7.98 3.40
N SER B 68 9.37 -8.97 4.04
CA SER B 68 10.69 -8.80 4.65
C SER B 68 11.22 -10.19 4.81
N ASP B 69 12.45 -10.33 5.31
CA ASP B 69 13.05 -11.65 5.50
C ASP B 69 12.12 -12.48 6.38
N GLY B 70 11.74 -13.66 5.91
CA GLY B 70 10.90 -14.53 6.68
C GLY B 70 9.44 -14.12 6.81
N ILE B 71 8.97 -13.20 5.97
CA ILE B 71 7.53 -12.90 5.91
C ILE B 71 7.09 -12.88 4.45
N TYR B 72 6.39 -13.95 4.06
CA TYR B 72 5.94 -14.18 2.70
C TYR B 72 4.45 -13.91 2.65
N VAL B 73 4.02 -13.05 1.74
CA VAL B 73 2.63 -12.57 1.76
C VAL B 73 2.03 -12.54 0.36
N ALA B 74 0.70 -12.50 0.31
CA ALA B 74 -0.04 -12.24 -0.93
C ALA B 74 -0.57 -10.80 -0.95
N ASN B 75 -0.66 -10.25 -2.15
CA ASN B 75 -1.27 -8.93 -2.31
C ASN B 75 -2.78 -9.00 -2.22
N VAL B 76 -3.40 -7.85 -2.02
CA VAL B 76 -4.80 -7.69 -2.35
C VAL B 76 -4.95 -6.44 -3.21
N SER B 77 -6.03 -6.44 -3.97
CA SER B 77 -6.37 -5.29 -4.79
C SER B 77 -7.83 -4.99 -4.56
N GLY B 78 -8.14 -3.69 -4.49
CA GLY B 78 -9.51 -3.23 -4.44
C GLY B 78 -9.98 -2.67 -3.11
N VAL B 79 -9.10 -2.53 -2.13
CA VAL B 79 -9.56 -2.11 -0.82
C VAL B 79 -9.23 -0.64 -0.47
N LEU B 80 -8.56 0.10 -1.36
CA LEU B 80 -8.00 1.38 -0.90
C LEU B 80 -9.00 2.52 -0.72
N ALA B 81 -10.10 2.53 -1.48
CA ALA B 81 -11.10 3.56 -1.25
C ALA B 81 -11.60 3.44 0.18
N THR B 82 -11.89 2.21 0.57
CA THR B 82 -12.41 1.96 1.90
C THR B 82 -11.36 2.17 2.97
N TYR B 83 -10.13 1.72 2.67
CA TYR B 83 -9.03 1.93 3.58
C TYR B 83 -8.86 3.41 3.93
N PHE B 84 -8.82 4.28 2.92
CA PHE B 84 -8.57 5.68 3.24
C PHE B 84 -9.80 6.36 3.82
N LYS B 85 -10.98 5.87 3.48
CA LYS B 85 -12.19 6.37 4.14
C LYS B 85 -12.13 6.07 5.64
N MET B 86 -11.69 4.86 5.99
CA MET B 86 -11.54 4.48 7.38
C MET B 86 -10.44 5.27 8.07
N TYR B 87 -9.33 5.51 7.38
CA TYR B 87 -8.27 6.37 7.93
C TYR B 87 -8.83 7.72 8.36
N ASN B 88 -9.66 8.30 7.50
CA ASN B 88 -10.26 9.60 7.74
C ASN B 88 -11.18 9.57 8.96
N LEU B 89 -12.02 8.54 9.04
CA LEU B 89 -12.91 8.40 10.19
C LEU B 89 -12.13 8.25 11.49
N PHE B 90 -11.09 7.41 11.46
CA PHE B 90 -10.30 7.24 12.67
C PHE B 90 -9.62 8.53 13.05
N TYR B 91 -9.10 9.24 12.05
CA TYR B 91 -8.43 10.49 12.31
C TYR B 91 -9.36 11.51 12.96
N LYS B 92 -10.61 11.59 12.48
CA LYS B 92 -11.58 12.52 13.04
C LYS B 92 -11.92 12.21 14.49
N SER B 93 -11.80 10.94 14.89
CA SER B 93 -12.04 10.53 16.28
C SER B 93 -10.74 10.43 17.08
N GLN B 94 -9.66 10.99 16.52
CA GLN B 94 -8.34 10.98 17.15
C GLN B 94 -7.92 9.59 17.57
N ILE B 95 -8.11 8.65 16.64
CA ILE B 95 -7.67 7.28 16.80
C ILE B 95 -6.50 7.05 15.85
N THR B 96 -5.40 6.52 16.36
CA THR B 96 -4.20 6.29 15.54
C THR B 96 -4.35 5.06 14.64
N PHE B 97 -4.42 5.29 13.33
CA PHE B 97 -4.61 4.23 12.34
C PHE B 97 -3.49 4.31 11.33
N GLY B 98 -3.00 3.15 10.92
CA GLY B 98 -1.85 3.09 10.04
C GLY B 98 -0.65 3.34 10.93
N GLN B 99 -0.07 4.53 10.87
CA GLN B 99 0.98 4.94 11.81
C GLN B 99 2.19 4.00 11.95
N SER B 100 2.61 3.45 10.81
CA SER B 100 3.75 2.55 10.75
C SER B 100 4.49 2.82 9.46
N ARG B 101 5.80 2.60 9.48
CA ARG B 101 6.64 2.80 8.31
C ARG B 101 6.31 1.87 7.15
N MET B 102 5.99 0.62 7.45
CA MET B 102 6.10 -0.45 6.49
C MET B 102 4.75 -0.95 5.99
N PHE B 103 3.65 -0.33 6.42
CA PHE B 103 2.39 -1.03 6.23
C PHE B 103 1.68 -0.85 4.89
N ILE B 104 1.36 -1.99 4.28
CA ILE B 104 0.49 -2.07 3.11
C ILE B 104 -0.39 -3.30 3.36
N PRO B 105 -1.72 -3.19 3.14
CA PRO B 105 -2.59 -4.36 3.37
C PRO B 105 -2.06 -5.61 2.67
N HIS B 106 -2.08 -6.74 3.35
CA HIS B 106 -1.47 -7.96 2.79
C HIS B 106 -2.05 -9.17 3.49
N ILE B 107 -1.95 -10.32 2.83
CA ILE B 107 -2.28 -11.61 3.44
C ILE B 107 -1.00 -12.40 3.70
N THR B 108 -0.59 -12.49 4.96
CA THR B 108 0.61 -13.27 5.27
C THR B 108 0.32 -14.74 5.04
N LEU B 109 1.21 -15.39 4.30
CA LEU B 109 1.03 -16.79 3.96
C LEU B 109 1.93 -17.71 4.76
N SER B 110 3.16 -17.26 5.02
CA SER B 110 4.16 -18.10 5.66
C SER B 110 5.26 -17.24 6.27
N PHE B 111 5.77 -17.68 7.42
CA PHE B 111 6.90 -16.99 8.00
C PHE B 111 8.18 -17.67 7.55
N SER B 112 8.41 -17.61 6.24
CA SER B 112 9.57 -18.23 5.60
C SER B 112 9.81 -17.59 4.25
N ASN B 113 10.99 -17.80 3.69
CA ASN B 113 11.30 -17.29 2.37
C ASN B 113 10.75 -18.22 1.30
N ASN B 114 10.02 -17.66 0.35
CA ASN B 114 9.38 -18.45 -0.70
C ASN B 114 9.62 -17.85 -2.06
N LYS B 115 9.54 -18.66 -3.10
CA LYS B 115 9.60 -18.09 -4.43
C LYS B 115 8.29 -17.37 -4.67
N THR B 116 8.35 -16.19 -5.26
CA THR B 116 7.15 -15.43 -5.56
C THR B 116 6.35 -16.10 -6.67
N VAL B 117 5.02 -16.00 -6.59
CA VAL B 117 4.17 -16.52 -7.65
C VAL B 117 3.18 -15.48 -8.16
N ARG B 118 2.72 -15.66 -9.37
CA ARG B 118 1.65 -14.87 -9.92
C ARG B 118 0.58 -15.81 -10.38
N ILE B 119 -0.68 -15.53 -10.06
CA ILE B 119 -1.81 -16.32 -10.49
C ILE B 119 -2.77 -15.44 -11.28
N GLU B 120 -3.73 -16.03 -11.97
CA GLU B 120 -4.80 -15.23 -12.56
C GLU B 120 -5.49 -14.50 -11.42
N SER B 121 -5.84 -13.23 -11.64
CA SER B 121 -6.59 -12.46 -10.66
C SER B 121 -7.78 -13.24 -10.12
N THR B 122 -7.88 -13.33 -8.80
CA THR B 122 -8.85 -14.20 -8.15
C THR B 122 -9.67 -13.45 -7.10
N ARG B 123 -10.99 -13.49 -7.24
CA ARG B 123 -11.91 -12.88 -6.28
C ARG B 123 -11.89 -13.64 -4.96
N LEU B 124 -11.77 -12.90 -3.88
CA LEU B 124 -11.84 -13.49 -2.55
C LEU B 124 -13.21 -13.25 -1.95
N LYS B 125 -13.70 -14.22 -1.18
CA LYS B 125 -15.02 -14.12 -0.60
C LYS B 125 -14.89 -13.89 0.89
N ILE B 126 -15.27 -12.71 1.33
CA ILE B 126 -15.14 -12.33 2.74
C ILE B 126 -16.03 -13.20 3.62
N SER B 127 -15.49 -13.74 4.71
CA SER B 127 -16.32 -14.48 5.65
C SER B 127 -16.52 -13.73 6.96
N SER B 128 -15.47 -13.07 7.44
CA SER B 128 -15.58 -12.32 8.69
C SER B 128 -14.59 -11.15 8.69
N ILE B 129 -14.93 -10.11 9.43
CA ILE B 129 -14.07 -8.94 9.59
C ILE B 129 -14.00 -8.68 11.08
N TYR B 130 -12.79 -8.46 11.60
CA TYR B 130 -12.63 -8.49 13.03
C TYR B 130 -11.52 -7.54 13.50
N LEU B 131 -11.58 -7.19 14.77
CA LEU B 131 -10.60 -6.34 15.45
C LEU B 131 -9.91 -7.21 16.46
N ARG B 132 -8.58 -7.28 16.40
CA ARG B 132 -7.83 -8.19 17.25
C ARG B 132 -6.61 -7.50 17.81
N LYS B 133 -6.33 -7.76 19.08
CA LYS B 133 -5.09 -7.29 19.68
C LYS B 133 -3.94 -8.11 19.12
N ILE B 134 -2.88 -7.43 18.71
CA ILE B 134 -1.71 -8.12 18.21
C ILE B 134 -1.13 -8.95 19.35
N LYS B 135 -0.95 -10.24 19.07
CA LYS B 135 -0.51 -11.22 20.07
C LYS B 135 -1.51 -11.33 21.23
N GLY B 136 -2.77 -11.01 20.95
CA GLY B 136 -3.83 -11.07 21.93
C GLY B 136 -5.09 -11.66 21.34
N ASP B 137 -6.25 -11.29 21.89
CA ASP B 137 -7.49 -11.91 21.49
C ASP B 137 -8.28 -11.02 20.54
N THR B 138 -9.21 -11.64 19.82
CA THR B 138 -10.16 -10.89 19.02
C THR B 138 -11.14 -10.24 19.97
N VAL B 139 -11.47 -8.96 19.74
CA VAL B 139 -12.35 -8.25 20.66
C VAL B 139 -13.66 -7.86 20.00
N PHE B 140 -13.73 -8.03 18.69
CA PHE B 140 -14.93 -7.72 17.92
C PHE B 140 -14.86 -8.50 16.63
N ASP B 141 -15.93 -9.17 16.28
CA ASP B 141 -15.99 -9.98 15.11
C ASP B 141 -17.33 -9.75 14.43
N MET B 142 -17.33 -9.49 13.14
CA MET B 142 -18.55 -9.34 12.38
C MET B 142 -18.64 -10.23 11.17
N SER B 143 -19.88 -10.50 10.78
CA SER B 143 -20.25 -11.24 9.59
C SER B 143 -21.29 -10.47 8.79
N GLU B 144 -21.38 -10.72 7.49
CA GLU B 144 -22.29 -9.95 6.65
C GLU B 144 -23.74 -10.07 7.12
#